data_1SN2
#
_entry.id   1SN2
#
_cell.length_a   58.497
_cell.length_b   58.497
_cell.length_c   140.710
_cell.angle_alpha   90.00
_cell.angle_beta   90.00
_cell.angle_gamma   90.00
#
_symmetry.space_group_name_H-M   'P 41'
#
loop_
_entity.id
_entity.type
_entity.pdbx_description
1 polymer transthyretin
2 non-polymer 'SULFATE ION'
3 water water
#
_entity_poly.entity_id   1
_entity_poly.type   'polypeptide(L)'
_entity_poly.pdbx_seq_one_letter_code
;TPTDKHGGSDTRCPLMVKILDAVKGTPAGSVALKVSQKTADGGWTQIATGVTDATGEIHNLITEQQFPAGVYRVEFDTKA
YWTNQGSTPFHEVAEVVFDAHPEGHRHYTLALLLSPFSYTTTAVVSSVHE
;
_entity_poly.pdbx_strand_id   A,B,C,D
#
loop_
_chem_comp.id
_chem_comp.type
_chem_comp.name
_chem_comp.formula
SO4 non-polymer 'SULFATE ION' 'O4 S -2'
#
# COMPACT_ATOMS: atom_id res chain seq x y z
N CYS A 13 -22.89 -6.84 -11.38
CA CYS A 13 -21.72 -7.56 -11.97
C CYS A 13 -20.94 -8.26 -10.86
N PRO A 14 -20.61 -9.52 -11.07
CA PRO A 14 -19.92 -10.29 -10.04
C PRO A 14 -18.45 -9.93 -9.90
N LEU A 15 -17.88 -9.29 -10.90
CA LEU A 15 -16.46 -8.96 -10.87
C LEU A 15 -16.18 -7.55 -11.38
N MET A 16 -15.78 -6.67 -10.49
CA MET A 16 -15.51 -5.27 -10.83
C MET A 16 -14.06 -4.94 -10.51
N VAL A 17 -13.52 -3.91 -11.15
CA VAL A 17 -12.18 -3.45 -10.83
C VAL A 17 -12.23 -1.94 -10.55
N LYS A 18 -11.25 -1.45 -9.81
CA LYS A 18 -11.11 -0.02 -9.55
C LYS A 18 -9.61 0.23 -9.50
N ILE A 19 -9.10 0.89 -10.53
CA ILE A 19 -7.68 1.12 -10.65
C ILE A 19 -7.37 2.58 -10.48
N LEU A 20 -6.41 2.86 -9.61
CA LEU A 20 -5.99 4.22 -9.31
C LEU A 20 -4.53 4.43 -9.62
N ASP A 21 -4.21 5.63 -10.08
CA ASP A 21 -2.83 6.04 -10.38
C ASP A 21 -2.33 6.91 -9.22
N ALA A 22 -1.36 6.40 -8.47
CA ALA A 22 -0.82 7.04 -7.29
C ALA A 22 0.15 8.17 -7.60
N VAL A 23 0.50 8.33 -8.86
CA VAL A 23 1.40 9.40 -9.27
C VAL A 23 0.56 10.66 -9.52
N LYS A 24 -0.54 10.48 -10.25
CA LYS A 24 -1.41 11.58 -10.66
C LYS A 24 -2.57 11.89 -9.73
N GLY A 25 -2.93 10.95 -8.88
CA GLY A 25 -4.08 11.13 -8.03
C GLY A 25 -5.37 11.10 -8.84
N THR A 26 -5.43 10.23 -9.85
CA THR A 26 -6.65 10.04 -10.62
C THR A 26 -6.87 8.56 -10.82
N PRO A 27 -8.04 8.16 -11.30
CA PRO A 27 -8.21 6.76 -11.68
C PRO A 27 -7.31 6.50 -12.88
N ALA A 28 -6.94 5.24 -13.06
CA ALA A 28 -6.07 4.84 -14.16
C ALA A 28 -6.91 4.43 -15.36
N GLY A 29 -6.99 5.32 -16.34
CA GLY A 29 -7.79 5.06 -17.51
C GLY A 29 -7.04 4.29 -18.57
N SER A 30 -7.80 3.56 -19.37
CA SER A 30 -7.25 2.83 -20.51
C SER A 30 -6.23 1.77 -20.15
N VAL A 31 -6.45 1.13 -19.00
CA VAL A 31 -5.62 0.01 -18.60
C VAL A 31 -6.24 -1.26 -19.15
N ALA A 32 -5.48 -1.98 -19.94
CA ALA A 32 -5.96 -3.25 -20.50
C ALA A 32 -5.89 -4.37 -19.49
N LEU A 33 -6.88 -5.24 -19.49
CA LEU A 33 -6.85 -6.38 -18.61
C LEU A 33 -7.52 -7.59 -19.24
N LYS A 34 -7.19 -8.76 -18.71
CA LYS A 34 -7.80 -9.99 -19.18
C LYS A 34 -8.11 -10.85 -17.97
N VAL A 35 -9.20 -11.59 -18.06
CA VAL A 35 -9.66 -12.45 -17.00
C VAL A 35 -9.59 -13.89 -17.52
N SER A 36 -8.95 -14.77 -16.75
CA SER A 36 -8.87 -16.18 -17.12
C SER A 36 -9.35 -17.05 -15.97
N GLN A 37 -9.82 -18.24 -16.32
CA GLN A 37 -10.28 -19.20 -15.35
C GLN A 37 -9.39 -20.45 -15.44
N LYS A 38 -9.04 -20.99 -14.29
CA LYS A 38 -8.21 -22.19 -14.26
C LYS A 38 -9.06 -23.39 -14.67
N THR A 39 -8.56 -24.18 -15.62
CA THR A 39 -9.32 -25.34 -16.09
C THR A 39 -9.03 -26.59 -15.27
N ALA A 40 -9.80 -27.63 -15.53
CA ALA A 40 -9.64 -28.91 -14.86
C ALA A 40 -8.23 -29.47 -14.97
N ASP A 41 -7.60 -29.33 -16.14
CA ASP A 41 -6.24 -29.86 -16.34
C ASP A 41 -5.13 -29.01 -15.73
N GLY A 42 -5.49 -27.85 -15.15
CA GLY A 42 -4.51 -27.00 -14.49
C GLY A 42 -4.09 -25.80 -15.32
N GLY A 43 -4.56 -25.73 -16.57
CA GLY A 43 -4.24 -24.63 -17.44
C GLY A 43 -5.19 -23.46 -17.23
N TRP A 44 -5.04 -22.43 -18.06
CA TRP A 44 -5.86 -21.24 -17.96
C TRP A 44 -6.62 -21.00 -19.25
N THR A 45 -7.88 -20.61 -19.11
CA THR A 45 -8.66 -20.24 -20.26
C THR A 45 -9.15 -18.80 -20.12
N GLN A 46 -8.97 -18.01 -21.16
CA GLN A 46 -9.36 -16.61 -21.14
C GLN A 46 -10.88 -16.51 -21.32
N ILE A 47 -11.55 -15.81 -20.41
CA ILE A 47 -13.01 -15.64 -20.48
C ILE A 47 -13.47 -14.21 -20.75
N ALA A 48 -12.60 -13.22 -20.56
CA ALA A 48 -12.97 -11.84 -20.88
C ALA A 48 -11.76 -10.94 -21.02
N THR A 49 -11.90 -9.90 -21.82
CA THR A 49 -10.87 -8.88 -21.93
C THR A 49 -11.61 -7.58 -21.78
N GLY A 50 -10.88 -6.54 -21.42
CA GLY A 50 -11.47 -5.23 -21.27
C GLY A 50 -10.40 -4.17 -21.09
N VAL A 51 -10.86 -2.92 -21.05
CA VAL A 51 -9.97 -1.79 -20.86
C VAL A 51 -10.70 -0.81 -19.94
N THR A 52 -10.03 -0.32 -18.90
CA THR A 52 -10.70 0.59 -17.97
C THR A 52 -11.10 1.89 -18.62
N ASP A 53 -12.24 2.40 -18.15
CA ASP A 53 -12.73 3.70 -18.58
C ASP A 53 -12.00 4.77 -17.76
N ALA A 54 -12.42 6.01 -17.89
CA ALA A 54 -11.76 7.11 -17.21
C ALA A 54 -11.94 7.08 -15.69
N THR A 55 -12.92 6.32 -15.20
CA THR A 55 -13.12 6.17 -13.75
C THR A 55 -12.29 5.02 -13.19
N GLY A 56 -11.53 4.36 -14.06
CA GLY A 56 -10.67 3.25 -13.63
C GLY A 56 -11.44 1.96 -13.44
N GLU A 57 -12.58 1.87 -14.10
CA GLU A 57 -13.47 0.72 -13.96
C GLU A 57 -13.80 0.05 -15.30
N ILE A 58 -14.34 -1.15 -15.23
CA ILE A 58 -14.82 -1.84 -16.42
C ILE A 58 -16.21 -2.37 -16.10
N HIS A 59 -17.20 -1.89 -16.83
CA HIS A 59 -18.56 -2.33 -16.59
C HIS A 59 -18.89 -3.57 -17.40
N ASN A 60 -19.67 -4.46 -16.80
CA ASN A 60 -20.14 -5.69 -17.47
C ASN A 60 -19.03 -6.56 -18.03
N LEU A 61 -17.99 -6.76 -17.23
CA LEU A 61 -16.83 -7.57 -17.61
C LEU A 61 -17.24 -9.01 -17.89
N ILE A 62 -17.94 -9.62 -16.95
CA ILE A 62 -18.47 -10.97 -17.11
C ILE A 62 -19.84 -11.01 -16.42
N THR A 63 -20.62 -12.06 -16.70
CA THR A 63 -21.93 -12.21 -16.08
C THR A 63 -21.87 -13.25 -14.98
N GLU A 64 -22.95 -13.39 -14.23
CA GLU A 64 -23.05 -14.38 -13.15
C GLU A 64 -22.80 -15.80 -13.64
N GLN A 65 -23.42 -16.16 -14.76
CA GLN A 65 -23.28 -17.50 -15.33
C GLN A 65 -21.82 -17.85 -15.65
N GLN A 66 -21.07 -16.87 -16.14
CA GLN A 66 -19.65 -17.04 -16.46
C GLN A 66 -18.74 -17.06 -15.24
N PHE A 67 -19.31 -16.97 -14.04
CA PHE A 67 -18.49 -16.82 -12.85
C PHE A 67 -18.85 -17.79 -11.74
N PRO A 68 -18.78 -19.09 -12.01
CA PRO A 68 -19.02 -20.09 -10.96
C PRO A 68 -17.80 -20.15 -10.06
N ALA A 69 -17.92 -20.80 -8.92
CA ALA A 69 -16.75 -20.99 -8.05
C ALA A 69 -15.58 -21.58 -8.86
N GLY A 70 -14.37 -21.09 -8.58
CA GLY A 70 -13.20 -21.56 -9.29
C GLY A 70 -12.05 -20.61 -9.04
N VAL A 71 -10.90 -20.92 -9.63
CA VAL A 71 -9.73 -20.06 -9.50
C VAL A 71 -9.69 -19.16 -10.72
N TYR A 72 -9.52 -17.87 -10.48
CA TYR A 72 -9.46 -16.90 -11.56
C TYR A 72 -8.18 -16.09 -11.44
N ARG A 73 -7.76 -15.56 -12.57
CA ARG A 73 -6.60 -14.71 -12.67
C ARG A 73 -6.98 -13.49 -13.47
N VAL A 74 -6.74 -12.31 -12.91
CA VAL A 74 -7.00 -11.08 -13.62
C VAL A 74 -5.62 -10.48 -13.82
N GLU A 75 -5.28 -10.25 -15.09
CA GLU A 75 -3.99 -9.72 -15.48
C GLU A 75 -4.16 -8.33 -16.04
N PHE A 76 -3.45 -7.37 -15.46
CA PHE A 76 -3.54 -5.97 -15.84
C PHE A 76 -2.25 -5.56 -16.54
N ASP A 77 -2.37 -4.92 -17.71
CA ASP A 77 -1.21 -4.49 -18.48
C ASP A 77 -0.69 -3.16 -17.95
N THR A 78 -0.11 -3.22 -16.76
CA THR A 78 0.42 -2.03 -16.11
C THR A 78 1.69 -1.52 -16.80
N LYS A 79 2.43 -2.42 -17.43
CA LYS A 79 3.67 -2.00 -18.07
C LYS A 79 3.35 -1.04 -19.21
N ALA A 80 2.34 -1.37 -20.00
CA ALA A 80 1.93 -0.53 -21.12
C ALA A 80 1.39 0.79 -20.60
N TYR A 81 0.62 0.74 -19.51
CA TYR A 81 0.10 1.94 -18.89
C TYR A 81 1.22 2.93 -18.58
N TRP A 82 2.24 2.49 -17.84
CA TRP A 82 3.33 3.36 -17.44
C TRP A 82 4.19 3.81 -18.60
N THR A 83 4.38 2.92 -19.56
CA THR A 83 5.14 3.26 -20.77
C THR A 83 4.43 4.42 -21.47
N ASN A 84 3.11 4.32 -21.57
CA ASN A 84 2.30 5.38 -22.18
C ASN A 84 2.31 6.70 -21.39
N GLN A 85 2.56 6.62 -20.08
CA GLN A 85 2.62 7.81 -19.23
C GLN A 85 4.01 8.45 -19.28
N GLY A 86 4.95 7.81 -19.97
CA GLY A 86 6.32 8.28 -20.07
C GLY A 86 7.20 7.91 -18.88
N SER A 87 6.77 6.93 -18.10
CA SER A 87 7.51 6.49 -16.93
C SER A 87 8.31 5.22 -17.23
N THR A 88 9.02 4.74 -16.21
CA THR A 88 9.72 3.48 -16.27
C THR A 88 9.14 2.53 -15.24
N PRO A 89 8.42 1.52 -15.68
CA PRO A 89 7.79 0.60 -14.74
C PRO A 89 8.66 -0.58 -14.36
N PHE A 90 8.38 -1.12 -13.18
CA PHE A 90 9.07 -2.29 -12.72
C PHE A 90 8.38 -3.57 -13.20
N HIS A 91 7.09 -3.70 -12.91
CA HIS A 91 6.39 -4.96 -13.19
C HIS A 91 6.07 -5.15 -14.66
N GLU A 92 6.13 -6.40 -15.10
CA GLU A 92 5.77 -6.75 -16.48
C GLU A 92 4.27 -6.71 -16.63
N VAL A 93 3.59 -7.09 -15.54
CA VAL A 93 2.15 -7.15 -15.49
C VAL A 93 1.76 -7.15 -14.02
N ALA A 94 0.53 -6.78 -13.70
CA ALA A 94 0.03 -6.94 -12.35
C ALA A 94 -0.94 -8.11 -12.38
N GLU A 95 -0.71 -9.11 -11.53
CA GLU A 95 -1.56 -10.29 -11.56
C GLU A 95 -2.30 -10.49 -10.25
N VAL A 96 -3.60 -10.76 -10.35
CA VAL A 96 -4.43 -10.99 -9.18
C VAL A 96 -5.09 -12.34 -9.37
N VAL A 97 -4.70 -13.29 -8.53
CA VAL A 97 -5.13 -14.70 -8.64
C VAL A 97 -5.87 -15.05 -7.36
N PHE A 98 -7.10 -15.49 -7.52
CA PHE A 98 -7.95 -15.81 -6.36
C PHE A 98 -8.97 -16.90 -6.63
N ASP A 99 -9.37 -17.59 -5.56
CA ASP A 99 -10.44 -18.56 -5.65
C ASP A 99 -11.71 -17.76 -5.45
N ALA A 100 -12.60 -17.81 -6.42
CA ALA A 100 -13.84 -17.06 -6.31
C ALA A 100 -14.93 -17.91 -5.66
N HIS A 101 -15.63 -17.29 -4.72
CA HIS A 101 -16.77 -17.91 -4.05
C HIS A 101 -17.99 -16.98 -4.24
N PRO A 102 -18.66 -17.13 -5.37
CA PRO A 102 -19.78 -16.23 -5.72
C PRO A 102 -21.08 -16.55 -5.00
N GLU A 103 -21.12 -17.66 -4.26
CA GLU A 103 -22.36 -18.07 -3.61
C GLU A 103 -22.77 -17.06 -2.54
N GLY A 104 -24.06 -16.97 -2.30
CA GLY A 104 -24.56 -16.01 -1.34
C GLY A 104 -24.47 -14.59 -1.89
N HIS A 105 -24.72 -14.45 -3.20
CA HIS A 105 -24.65 -13.17 -3.92
C HIS A 105 -23.42 -12.35 -3.55
N ARG A 106 -22.27 -13.04 -3.47
CA ARG A 106 -21.03 -12.36 -3.15
C ARG A 106 -20.43 -11.81 -4.44
N HIS A 107 -20.17 -10.51 -4.45
CA HIS A 107 -19.56 -9.84 -5.59
C HIS A 107 -18.15 -9.36 -5.23
N TYR A 108 -17.27 -9.29 -6.22
CA TYR A 108 -15.86 -8.93 -6.03
C TYR A 108 -15.49 -7.62 -6.67
N THR A 109 -14.81 -6.75 -5.92
CA THR A 109 -14.18 -5.58 -6.52
C THR A 109 -12.69 -5.72 -6.28
N LEU A 110 -11.93 -5.65 -7.36
CA LEU A 110 -10.48 -5.75 -7.28
C LEU A 110 -9.93 -4.35 -7.36
N ALA A 111 -9.46 -3.84 -6.23
CA ALA A 111 -8.89 -2.52 -6.19
C ALA A 111 -7.39 -2.64 -6.44
N LEU A 112 -6.87 -1.74 -7.25
CA LEU A 112 -5.48 -1.80 -7.61
C LEU A 112 -4.93 -0.37 -7.55
N LEU A 113 -3.88 -0.15 -6.78
CA LEU A 113 -3.26 1.16 -6.65
C LEU A 113 -1.89 1.10 -7.32
N LEU A 114 -1.70 1.86 -8.39
CA LEU A 114 -0.49 1.79 -9.19
C LEU A 114 0.52 2.91 -9.03
N SER A 115 1.78 2.53 -8.88
CA SER A 115 2.94 3.41 -8.98
C SER A 115 3.91 2.69 -9.91
N PRO A 116 4.80 3.40 -10.60
CA PRO A 116 5.74 2.69 -11.50
C PRO A 116 6.49 1.51 -10.89
N PHE A 117 6.92 1.62 -9.63
CA PHE A 117 7.69 0.57 -9.01
C PHE A 117 6.94 -0.12 -7.87
N SER A 118 5.62 0.04 -7.84
CA SER A 118 4.83 -0.59 -6.79
C SER A 118 3.36 -0.70 -7.13
N TYR A 119 2.71 -1.77 -6.69
CA TYR A 119 1.25 -1.81 -6.74
C TYR A 119 0.66 -2.51 -5.52
N THR A 120 -0.55 -2.11 -5.19
CA THR A 120 -1.29 -2.69 -4.08
C THR A 120 -2.56 -3.29 -4.65
N THR A 121 -2.75 -4.59 -4.41
CA THR A 121 -3.95 -5.32 -4.82
C THR A 121 -4.76 -5.65 -3.57
N THR A 122 -6.00 -5.16 -3.54
CA THR A 122 -6.91 -5.39 -2.45
C THR A 122 -8.19 -5.93 -3.05
N ALA A 123 -8.93 -6.70 -2.26
CA ALA A 123 -10.20 -7.20 -2.74
C ALA A 123 -11.29 -6.73 -1.79
N VAL A 124 -12.42 -6.32 -2.33
CA VAL A 124 -13.58 -5.99 -1.52
C VAL A 124 -14.67 -6.99 -1.89
N VAL A 125 -15.17 -7.72 -0.89
CA VAL A 125 -16.18 -8.76 -1.13
C VAL A 125 -17.57 -8.48 -0.53
N SER A 126 -17.76 -7.29 0.01
CA SER A 126 -19.09 -6.85 0.45
C SER A 126 -19.09 -5.34 0.36
N SER A 127 -20.23 -4.77 -0.02
CA SER A 127 -20.35 -3.31 -0.07
C SER A 127 -20.44 -2.70 1.34
N VAL A 128 -20.68 -3.53 2.35
CA VAL A 128 -20.80 -3.03 3.73
C VAL A 128 -19.97 -3.79 4.76
N HIS A 129 -19.62 -3.11 5.85
CA HIS A 129 -18.88 -3.70 6.94
C HIS A 129 -19.76 -4.59 7.82
N GLU A 130 -19.12 -5.51 8.54
CA GLU A 130 -19.77 -6.37 9.53
C GLU A 130 -18.82 -7.19 10.41
N CYS B 13 24.54 -10.94 -3.89
CA CYS B 13 23.21 -11.58 -4.08
C CYS B 13 22.32 -10.71 -4.96
N PRO B 14 21.98 -11.18 -6.15
CA PRO B 14 21.21 -10.37 -7.09
C PRO B 14 19.71 -10.27 -6.84
N LEU B 15 19.11 -11.23 -6.15
CA LEU B 15 17.66 -11.23 -5.93
C LEU B 15 17.36 -11.50 -4.47
N MET B 16 16.85 -10.49 -3.77
CA MET B 16 16.47 -10.62 -2.37
C MET B 16 14.97 -10.36 -2.21
N VAL B 17 14.40 -10.88 -1.13
CA VAL B 17 13.02 -10.58 -0.80
C VAL B 17 12.94 -10.06 0.65
N LYS B 18 11.89 -9.31 0.93
CA LYS B 18 11.61 -8.82 2.28
C LYS B 18 10.09 -8.81 2.44
N ILE B 19 9.57 -9.77 3.22
CA ILE B 19 8.13 -9.91 3.43
C ILE B 19 7.76 -9.51 4.84
N LEU B 20 6.76 -8.63 4.95
CA LEU B 20 6.23 -8.18 6.22
C LEU B 20 4.79 -8.54 6.38
N ASP B 21 4.40 -8.77 7.63
CA ASP B 21 3.04 -9.10 7.99
C ASP B 21 2.42 -7.83 8.57
N ALA B 22 1.40 -7.29 7.90
CA ALA B 22 0.81 -6.00 8.28
C ALA B 22 -0.21 -6.13 9.40
N VAL B 23 -0.53 -7.37 9.77
CA VAL B 23 -1.44 -7.61 10.88
C VAL B 23 -0.66 -7.64 12.18
N LYS B 24 0.45 -8.37 12.16
CA LYS B 24 1.27 -8.58 13.35
C LYS B 24 2.35 -7.53 13.59
N GLY B 25 2.80 -6.87 12.54
CA GLY B 25 3.88 -5.92 12.67
C GLY B 25 5.22 -6.62 12.83
N THR B 26 5.39 -7.73 12.12
CA THR B 26 6.65 -8.45 12.09
C THR B 26 6.89 -8.86 10.65
N PRO B 27 8.11 -9.30 10.36
CA PRO B 27 8.37 -9.94 9.07
C PRO B 27 7.55 -11.23 9.01
N ALA B 28 7.30 -11.70 7.80
CA ALA B 28 6.49 -12.89 7.60
C ALA B 28 7.43 -14.07 7.44
N GLY B 29 7.53 -14.90 8.48
CA GLY B 29 8.42 -16.05 8.43
C GLY B 29 7.75 -17.26 7.81
N SER B 30 8.58 -18.16 7.30
CA SER B 30 8.15 -19.43 6.73
C SER B 30 7.24 -19.30 5.51
N VAL B 31 7.43 -18.25 4.71
CA VAL B 31 6.66 -18.09 3.49
C VAL B 31 7.40 -18.80 2.37
N ALA B 32 6.72 -19.73 1.72
CA ALA B 32 7.30 -20.48 0.61
C ALA B 32 7.23 -19.68 -0.68
N LEU B 33 8.30 -19.73 -1.46
CA LEU B 33 8.32 -19.05 -2.74
C LEU B 33 9.08 -19.88 -3.79
N LYS B 34 8.79 -19.56 -5.04
CA LYS B 34 9.42 -20.20 -6.18
C LYS B 34 9.82 -19.10 -7.17
N VAL B 35 11.02 -19.18 -7.71
CA VAL B 35 11.49 -18.25 -8.71
C VAL B 35 11.53 -18.96 -10.05
N SER B 36 10.95 -18.37 -11.08
CA SER B 36 10.98 -18.96 -12.42
C SER B 36 11.46 -17.90 -13.40
N GLN B 37 12.05 -18.36 -14.49
CA GLN B 37 12.50 -17.48 -15.55
C GLN B 37 11.68 -17.79 -16.79
N LYS B 38 11.26 -16.74 -17.48
CA LYS B 38 10.51 -16.88 -18.71
C LYS B 38 11.41 -17.42 -19.83
N THR B 39 10.92 -18.40 -20.58
CA THR B 39 11.70 -18.98 -21.68
C THR B 39 11.39 -18.30 -22.99
N ALA B 40 12.17 -18.63 -24.01
CA ALA B 40 12.04 -18.04 -25.34
C ALA B 40 10.67 -18.25 -25.98
N ASP B 41 9.95 -19.29 -25.58
CA ASP B 41 8.64 -19.57 -26.15
C ASP B 41 7.50 -19.09 -25.26
N GLY B 42 7.83 -18.34 -24.21
CA GLY B 42 6.80 -17.81 -23.33
C GLY B 42 6.45 -18.75 -22.19
N GLY B 43 7.22 -19.82 -22.05
CA GLY B 43 7.03 -20.76 -20.95
C GLY B 43 7.83 -20.31 -19.74
N TRP B 44 7.94 -21.16 -18.74
CA TRP B 44 8.66 -20.85 -17.52
C TRP B 44 9.58 -22.00 -17.11
N THR B 45 10.76 -21.67 -16.59
CA THR B 45 11.66 -22.67 -16.06
C THR B 45 11.96 -22.32 -14.60
N GLN B 46 11.86 -23.30 -13.73
CA GLN B 46 12.11 -23.05 -12.32
C GLN B 46 13.60 -22.95 -12.02
N ILE B 47 14.01 -21.87 -11.36
CA ILE B 47 15.43 -21.71 -11.05
C ILE B 47 15.75 -21.78 -9.57
N ALA B 48 14.76 -21.61 -8.71
CA ALA B 48 14.98 -21.68 -7.28
C ALA B 48 13.69 -21.78 -6.49
N THR B 49 13.79 -22.37 -5.31
CA THR B 49 12.70 -22.34 -4.37
C THR B 49 13.30 -22.05 -3.00
N GLY B 50 12.45 -21.64 -2.06
CA GLY B 50 12.95 -21.32 -0.75
C GLY B 50 11.82 -20.98 0.19
N VAL B 51 12.18 -20.74 1.45
CA VAL B 51 11.21 -20.35 2.45
C VAL B 51 11.84 -19.22 3.25
N THR B 52 11.08 -18.16 3.54
CA THR B 52 11.65 -17.04 4.29
C THR B 52 11.99 -17.40 5.72
N ASP B 53 13.06 -16.78 6.22
CA ASP B 53 13.45 -16.94 7.61
C ASP B 53 12.60 -16.02 8.47
N ALA B 54 12.91 -15.94 9.77
CA ALA B 54 12.16 -15.11 10.70
C ALA B 54 12.28 -13.62 10.40
N THR B 55 13.22 -13.22 9.54
CA THR B 55 13.33 -11.82 9.18
C THR B 55 12.60 -11.52 7.86
N GLY B 56 11.94 -12.53 7.30
CA GLY B 56 11.14 -12.38 6.09
C GLY B 56 12.00 -12.33 4.84
N GLU B 57 13.19 -12.92 4.95
CA GLU B 57 14.19 -12.90 3.88
C GLU B 57 14.62 -14.31 3.49
N ILE B 58 15.29 -14.42 2.35
CA ILE B 58 15.88 -15.67 1.92
C ILE B 58 17.28 -15.34 1.43
N HIS B 59 18.29 -15.85 2.12
CA HIS B 59 19.66 -15.58 1.73
C HIS B 59 20.12 -16.56 0.65
N ASN B 60 20.95 -16.09 -0.27
CA ASN B 60 21.51 -16.92 -1.34
C ASN B 60 20.46 -17.65 -2.17
N LEU B 61 19.46 -16.91 -2.62
CA LEU B 61 18.38 -17.50 -3.39
C LEU B 61 18.91 -18.03 -4.73
N ILE B 62 19.67 -17.18 -5.43
CA ILE B 62 20.26 -17.52 -6.72
C ILE B 62 21.60 -16.79 -6.81
N THR B 63 22.46 -17.20 -7.75
CA THR B 63 23.75 -16.54 -7.95
C THR B 63 23.64 -15.55 -9.11
N GLU B 64 24.61 -14.65 -9.23
CA GLU B 64 24.62 -13.68 -10.31
C GLU B 64 24.64 -14.37 -11.66
N GLN B 65 25.36 -15.49 -11.73
CA GLN B 65 25.44 -16.26 -12.95
C GLN B 65 24.08 -16.79 -13.38
N GLN B 66 23.24 -17.14 -12.40
CA GLN B 66 21.90 -17.63 -12.68
C GLN B 66 20.87 -16.52 -12.91
N PHE B 67 21.30 -15.24 -12.94
CA PHE B 67 20.35 -14.13 -13.04
C PHE B 67 20.67 -13.15 -14.18
N PRO B 68 20.67 -13.62 -15.42
CA PRO B 68 20.89 -12.71 -16.55
C PRO B 68 19.62 -11.92 -16.81
N ALA B 69 19.72 -10.86 -17.60
CA ALA B 69 18.54 -10.10 -17.99
C ALA B 69 17.46 -11.03 -18.59
N GLY B 70 16.22 -10.74 -18.23
CA GLY B 70 15.10 -11.50 -18.74
C GLY B 70 13.92 -11.33 -17.82
N VAL B 71 12.81 -11.97 -18.15
CA VAL B 71 11.61 -11.90 -17.32
C VAL B 71 11.61 -13.02 -16.28
N TYR B 72 11.32 -12.64 -15.03
CA TYR B 72 11.24 -13.56 -13.92
C TYR B 72 9.90 -13.45 -13.24
N ARG B 73 9.50 -14.55 -12.63
CA ARG B 73 8.28 -14.62 -11.86
C ARG B 73 8.64 -15.17 -10.50
N VAL B 74 8.29 -14.45 -9.44
CA VAL B 74 8.46 -14.96 -8.10
C VAL B 74 7.06 -15.17 -7.57
N GLU B 75 6.78 -16.41 -7.17
CA GLU B 75 5.46 -16.82 -6.69
C GLU B 75 5.60 -17.03 -5.20
N PHE B 76 4.76 -16.34 -4.42
CA PHE B 76 4.80 -16.43 -2.97
C PHE B 76 3.54 -17.16 -2.48
N ASP B 77 3.70 -18.18 -1.65
CA ASP B 77 2.55 -18.93 -1.15
C ASP B 77 1.93 -18.25 0.04
N THR B 78 1.26 -17.13 -0.23
CA THR B 78 0.64 -16.35 0.81
C THR B 78 -0.62 -17.02 1.37
N LYS B 79 -1.27 -17.84 0.54
CA LYS B 79 -2.49 -18.50 0.97
C LYS B 79 -2.16 -19.41 2.14
N ALA B 80 -1.07 -20.17 1.99
CA ALA B 80 -0.64 -21.10 3.04
C ALA B 80 -0.25 -20.30 4.28
N TYR B 81 0.49 -19.22 4.08
CA TYR B 81 0.86 -18.33 5.17
C TYR B 81 -0.35 -17.90 6.01
N TRP B 82 -1.40 -17.38 5.39
CA TRP B 82 -2.55 -16.89 6.14
C TRP B 82 -3.37 -18.02 6.73
N THR B 83 -3.48 -19.11 5.99
CA THR B 83 -4.19 -20.28 6.49
C THR B 83 -3.54 -20.74 7.79
N ASN B 84 -2.21 -20.79 7.79
CA ASN B 84 -1.46 -21.18 8.98
C ASN B 84 -1.62 -20.17 10.12
N GLN B 85 -1.86 -18.89 9.81
CA GLN B 85 -2.08 -17.88 10.86
C GLN B 85 -3.51 -17.95 11.42
N GLY B 86 -4.35 -18.81 10.85
CA GLY B 86 -5.73 -18.92 11.27
C GLY B 86 -6.64 -17.86 10.68
N SER B 87 -6.17 -17.20 9.63
CA SER B 87 -6.95 -16.17 8.95
C SER B 87 -7.60 -16.71 7.67
N THR B 88 -8.28 -15.81 6.98
CA THR B 88 -8.96 -16.16 5.74
C THR B 88 -8.38 -15.26 4.68
N PRO B 89 -7.54 -15.80 3.81
CA PRO B 89 -6.92 -14.98 2.76
C PRO B 89 -7.76 -14.85 1.51
N PHE B 90 -7.52 -13.77 0.77
CA PHE B 90 -8.20 -13.59 -0.50
C PHE B 90 -7.43 -14.26 -1.63
N HIS B 91 -6.14 -13.92 -1.73
CA HIS B 91 -5.33 -14.35 -2.85
C HIS B 91 -4.91 -15.81 -2.80
N GLU B 92 -4.88 -16.42 -3.97
CA GLU B 92 -4.53 -17.81 -4.09
C GLU B 92 -3.02 -17.97 -4.08
N VAL B 93 -2.34 -16.88 -4.45
CA VAL B 93 -0.89 -16.81 -4.53
C VAL B 93 -0.55 -15.33 -4.75
N ALA B 94 0.67 -14.91 -4.44
CA ALA B 94 1.12 -13.57 -4.78
C ALA B 94 2.24 -13.72 -5.81
N GLU B 95 2.04 -13.17 -6.99
CA GLU B 95 3.03 -13.29 -8.05
C GLU B 95 3.60 -11.93 -8.40
N VAL B 96 4.91 -11.89 -8.49
CA VAL B 96 5.63 -10.67 -8.88
C VAL B 96 6.38 -11.01 -10.14
N VAL B 97 5.99 -10.38 -11.24
CA VAL B 97 6.55 -10.66 -12.55
C VAL B 97 7.22 -9.40 -13.06
N PHE B 98 8.49 -9.52 -13.42
CA PHE B 98 9.30 -8.36 -13.81
C PHE B 98 10.43 -8.71 -14.78
N ASP B 99 10.79 -7.76 -15.64
CA ASP B 99 11.97 -7.92 -16.51
C ASP B 99 13.19 -7.46 -15.72
N ALA B 100 14.10 -8.37 -15.42
CA ALA B 100 15.28 -8.02 -14.64
C ALA B 100 16.39 -7.46 -15.53
N HIS B 101 17.01 -6.37 -15.07
CA HIS B 101 18.14 -5.74 -15.75
C HIS B 101 19.25 -5.57 -14.72
N PRO B 102 20.04 -6.61 -14.52
CA PRO B 102 21.06 -6.59 -13.48
C PRO B 102 22.39 -6.06 -13.96
N GLU B 103 22.48 -5.66 -15.21
CA GLU B 103 23.74 -5.16 -15.73
C GLU B 103 24.21 -3.96 -14.89
N GLY B 104 25.53 -3.85 -14.74
CA GLY B 104 26.09 -2.79 -13.94
C GLY B 104 25.84 -3.01 -12.45
N HIS B 105 25.93 -4.28 -12.04
CA HIS B 105 25.80 -4.70 -10.64
C HIS B 105 24.55 -4.10 -9.98
N ARG B 106 23.42 -4.26 -10.64
CA ARG B 106 22.14 -3.85 -10.05
C ARG B 106 21.53 -5.07 -9.40
N HIS B 107 21.16 -4.95 -8.13
CA HIS B 107 20.51 -6.04 -7.42
C HIS B 107 19.08 -5.63 -7.10
N TYR B 108 18.22 -6.63 -6.95
CA TYR B 108 16.81 -6.40 -6.70
C TYR B 108 16.38 -6.91 -5.36
N THR B 109 15.55 -6.12 -4.70
CA THR B 109 14.86 -6.56 -3.49
C THR B 109 13.36 -6.46 -3.76
N LEU B 110 12.66 -7.58 -3.61
CA LEU B 110 11.22 -7.63 -3.79
C LEU B 110 10.62 -7.48 -2.41
N ALA B 111 10.01 -6.33 -2.14
CA ALA B 111 9.39 -6.09 -0.85
C ALA B 111 7.92 -6.45 -0.99
N LEU B 112 7.40 -7.15 0.01
CA LEU B 112 6.03 -7.58 -0.04
C LEU B 112 5.37 -7.33 1.32
N LEU B 113 4.27 -6.57 1.33
CA LEU B 113 3.55 -6.23 2.56
C LEU B 113 2.22 -6.97 2.55
N LEU B 114 2.06 -7.93 3.46
CA LEU B 114 0.90 -8.81 3.45
C LEU B 114 -0.17 -8.54 4.49
N SER B 115 -1.42 -8.50 4.01
CA SER B 115 -2.63 -8.49 4.83
C SER B 115 -3.52 -9.59 4.22
N PRO B 116 -4.44 -10.15 4.97
CA PRO B 116 -5.28 -11.23 4.41
C PRO B 116 -5.98 -10.89 3.10
N PHE B 117 -6.50 -9.67 2.95
CA PHE B 117 -7.22 -9.28 1.74
C PHE B 117 -6.50 -8.22 0.90
N SER B 118 -5.20 -8.06 1.12
CA SER B 118 -4.43 -7.06 0.37
C SER B 118 -2.93 -7.31 0.45
N TYR B 119 -2.21 -7.03 -0.63
CA TYR B 119 -0.77 -6.99 -0.51
C TYR B 119 -0.22 -5.91 -1.39
N THR B 120 0.96 -5.45 -1.01
CA THR B 120 1.70 -4.43 -1.73
C THR B 120 3.00 -5.03 -2.17
N THR B 121 3.26 -4.96 -3.47
CA THR B 121 4.50 -5.44 -4.04
C THR B 121 5.27 -4.23 -4.59
N THR B 122 6.48 -4.06 -4.07
CA THR B 122 7.36 -3.00 -4.49
C THR B 122 8.74 -3.59 -4.78
N ALA B 123 9.56 -2.87 -5.54
CA ALA B 123 10.90 -3.32 -5.83
C ALA B 123 11.87 -2.22 -5.46
N VAL B 124 13.01 -2.61 -4.91
CA VAL B 124 14.12 -1.69 -4.68
C VAL B 124 15.29 -2.16 -5.55
N VAL B 125 15.76 -1.28 -6.41
CA VAL B 125 16.89 -1.61 -7.27
C VAL B 125 18.05 -0.81 -6.71
N SER B 126 19.17 -1.49 -6.45
CA SER B 126 20.29 -0.83 -5.81
C SER B 126 21.56 -1.22 -6.54
N SER B 127 22.52 -0.31 -6.55
CA SER B 127 23.81 -0.55 -7.17
C SER B 127 24.72 -1.18 -6.12
N VAL B 128 24.12 -1.50 -4.97
CA VAL B 128 24.79 -2.18 -3.88
C VAL B 128 26.20 -1.67 -3.64
N PRO C 14 -17.55 17.89 -1.77
CA PRO C 14 -16.19 18.11 -2.34
C PRO C 14 -15.12 17.27 -1.67
N LEU C 15 -15.27 17.04 -0.36
CA LEU C 15 -14.47 16.04 0.37
C LEU C 15 -15.22 14.74 0.68
N MET C 16 -14.72 13.63 0.15
CA MET C 16 -15.28 12.32 0.42
C MET C 16 -14.19 11.42 0.98
N VAL C 17 -14.60 10.35 1.66
CA VAL C 17 -13.64 9.38 2.16
C VAL C 17 -14.14 8.00 1.80
N LYS C 18 -13.20 7.06 1.73
CA LYS C 18 -13.52 5.66 1.47
C LYS C 18 -12.51 4.84 2.24
N ILE C 19 -12.97 4.23 3.33
CA ILE C 19 -12.09 3.48 4.21
C ILE C 19 -12.32 1.98 4.02
N LEU C 20 -11.25 1.26 3.73
CA LEU C 20 -11.31 -0.18 3.55
C LEU C 20 -10.53 -0.91 4.61
N ASP C 21 -11.03 -2.08 4.98
CA ASP C 21 -10.39 -2.94 5.96
C ASP C 21 -9.70 -4.04 5.16
N ALA C 22 -8.36 -4.06 5.25
CA ALA C 22 -7.51 -4.96 4.47
C ALA C 22 -7.44 -6.37 5.04
N VAL C 23 -7.97 -6.53 6.24
CA VAL C 23 -8.04 -7.84 6.87
C VAL C 23 -9.32 -8.54 6.40
N LYS C 24 -10.44 -7.83 6.47
CA LYS C 24 -11.74 -8.41 6.13
C LYS C 24 -12.19 -8.30 4.68
N GLY C 25 -11.57 -7.43 3.89
CA GLY C 25 -12.03 -7.26 2.53
C GLY C 25 -13.41 -6.61 2.46
N THR C 26 -13.69 -5.73 3.41
CA THR C 26 -14.91 -4.95 3.40
C THR C 26 -14.57 -3.51 3.79
N PRO C 27 -15.48 -2.59 3.56
CA PRO C 27 -15.28 -1.22 4.04
C PRO C 27 -15.16 -1.20 5.57
N ALA C 28 -14.56 -0.14 6.11
CA ALA C 28 -14.38 0.00 7.54
C ALA C 28 -15.51 0.88 8.05
N GLY C 29 -16.47 0.26 8.72
CA GLY C 29 -17.63 0.97 9.21
C GLY C 29 -17.40 1.55 10.59
N SER C 30 -18.11 2.63 10.89
CA SER C 30 -18.08 3.27 12.21
C SER C 30 -16.72 3.83 12.59
N VAL C 31 -16.02 4.38 11.61
CA VAL C 31 -14.73 5.00 11.86
C VAL C 31 -14.96 6.49 12.15
N ALA C 32 -14.59 6.93 13.34
CA ALA C 32 -14.73 8.35 13.69
C ALA C 32 -13.66 9.19 13.04
N LEU C 33 -14.05 10.35 12.52
CA LEU C 33 -13.08 11.26 11.94
C LEU C 33 -13.45 12.73 12.18
N LYS C 34 -12.45 13.58 12.05
CA LYS C 34 -12.65 15.01 12.18
C LYS C 34 -11.86 15.73 11.11
N VAL C 35 -12.44 16.79 10.59
CA VAL C 35 -11.83 17.58 9.54
C VAL C 35 -11.48 18.95 10.11
N SER C 36 -10.23 19.36 9.94
CA SER C 36 -9.76 20.63 10.44
C SER C 36 -9.15 21.42 9.30
N GLN C 37 -9.20 22.74 9.42
CA GLN C 37 -8.70 23.64 8.41
C GLN C 37 -7.59 24.47 9.04
N LYS C 38 -6.46 24.57 8.35
CA LYS C 38 -5.30 25.31 8.88
C LYS C 38 -5.59 26.80 8.95
N THR C 39 -5.16 27.43 10.04
CA THR C 39 -5.35 28.87 10.22
C THR C 39 -4.06 29.61 9.91
N ALA C 40 -4.16 30.93 9.75
CA ALA C 40 -3.04 31.80 9.43
C ALA C 40 -1.80 31.57 10.29
N ASP C 41 -1.98 31.50 11.60
CA ASP C 41 -0.85 31.35 12.52
C ASP C 41 -0.33 29.92 12.61
N GLY C 42 -0.84 29.05 11.75
CA GLY C 42 -0.39 27.67 11.71
C GLY C 42 -1.14 26.77 12.67
N GLY C 43 -2.28 27.25 13.16
CA GLY C 43 -3.12 26.45 14.04
C GLY C 43 -4.20 25.73 13.26
N TRP C 44 -5.16 25.15 13.96
CA TRP C 44 -6.25 24.40 13.32
C TRP C 44 -7.62 24.77 13.85
N THR C 45 -8.59 24.80 12.95
CA THR C 45 -9.98 25.01 13.33
C THR C 45 -10.81 23.83 12.81
N GLN C 46 -11.67 23.28 13.67
CA GLN C 46 -12.48 22.12 13.33
C GLN C 46 -13.66 22.54 12.48
N ILE C 47 -13.82 21.93 11.31
CA ILE C 47 -14.94 22.29 10.45
C ILE C 47 -16.01 21.21 10.38
N ALA C 48 -15.66 19.97 10.73
CA ALA C 48 -16.64 18.88 10.72
C ALA C 48 -16.16 17.65 11.46
N THR C 49 -17.10 16.86 11.97
CA THR C 49 -16.77 15.55 12.51
C THR C 49 -17.80 14.58 11.97
N GLY C 50 -17.55 13.28 12.10
CA GLY C 50 -18.48 12.29 11.61
C GLY C 50 -17.97 10.88 11.82
N VAL C 51 -18.79 9.91 11.42
CA VAL C 51 -18.47 8.50 11.56
C VAL C 51 -18.83 7.82 10.26
N THR C 52 -17.97 6.97 9.72
CA THR C 52 -18.28 6.33 8.44
C THR C 52 -19.49 5.44 8.61
N ASP C 53 -20.27 5.34 7.54
CA ASP C 53 -21.39 4.42 7.52
C ASP C 53 -20.83 3.03 7.21
N ALA C 54 -21.71 2.07 6.97
CA ALA C 54 -21.29 0.69 6.70
C ALA C 54 -20.50 0.52 5.41
N THR C 55 -20.55 1.52 4.53
CA THR C 55 -19.82 1.47 3.27
C THR C 55 -18.45 2.16 3.36
N GLY C 56 -18.08 2.59 4.57
CA GLY C 56 -16.79 3.23 4.80
C GLY C 56 -16.75 4.65 4.29
N GLU C 57 -17.92 5.25 4.13
CA GLU C 57 -18.04 6.59 3.58
C GLU C 57 -18.77 7.52 4.55
N ILE C 58 -18.71 8.83 4.30
CA ILE C 58 -19.49 9.81 5.06
C ILE C 58 -20.10 10.76 4.06
N HIS C 59 -21.42 10.76 3.93
CA HIS C 59 -22.06 11.62 2.96
C HIS C 59 -22.37 12.99 3.54
N ASN C 60 -22.26 14.00 2.68
CA ASN C 60 -22.48 15.38 3.09
C ASN C 60 -21.61 15.72 4.30
N LEU C 61 -20.32 15.42 4.20
CA LEU C 61 -19.38 15.67 5.28
C LEU C 61 -19.22 17.17 5.53
N ILE C 62 -19.07 17.92 4.45
CA ILE C 62 -18.98 19.38 4.51
C ILE C 62 -19.60 19.91 3.22
N THR C 63 -19.67 21.24 3.07
CA THR C 63 -20.22 21.83 1.86
C THR C 63 -19.16 22.60 1.10
N GLU C 64 -19.50 22.97 -0.14
CA GLU C 64 -18.62 23.71 -1.03
C GLU C 64 -18.06 24.99 -0.38
N GLN C 65 -18.96 25.82 0.15
CA GLN C 65 -18.53 27.08 0.78
C GLN C 65 -17.65 26.82 2.00
N GLN C 66 -17.93 25.73 2.70
CA GLN C 66 -17.18 25.38 3.90
C GLN C 66 -15.81 24.79 3.57
N PHE C 67 -15.55 24.55 2.29
CA PHE C 67 -14.31 23.93 1.83
C PHE C 67 -13.55 24.77 0.82
N PRO C 68 -13.08 25.96 1.22
CA PRO C 68 -12.28 26.80 0.33
C PRO C 68 -10.81 26.41 0.33
N ALA C 69 -10.04 26.98 -0.59
CA ALA C 69 -8.61 26.68 -0.69
C ALA C 69 -7.90 26.82 0.65
N GLY C 70 -6.95 25.94 0.90
CA GLY C 70 -6.22 25.96 2.15
C GLY C 70 -5.71 24.57 2.49
N VAL C 71 -5.03 24.45 3.62
CA VAL C 71 -4.50 23.17 4.07
C VAL C 71 -5.50 22.53 5.02
N TYR C 72 -5.80 21.26 4.79
CA TYR C 72 -6.75 20.55 5.64
C TYR C 72 -6.11 19.35 6.29
N ARG C 73 -6.72 18.93 7.39
CA ARG C 73 -6.25 17.76 8.11
C ARG C 73 -7.48 16.92 8.41
N VAL C 74 -7.41 15.65 8.04
CA VAL C 74 -8.49 14.73 8.36
C VAL C 74 -7.88 13.69 9.28
N GLU C 75 -8.41 13.62 10.50
CA GLU C 75 -7.95 12.69 11.52
C GLU C 75 -8.92 11.52 11.60
N PHE C 76 -8.40 10.31 11.43
CA PHE C 76 -9.20 9.08 11.51
C PHE C 76 -8.86 8.30 12.77
N ASP C 77 -9.88 7.94 13.54
CA ASP C 77 -9.70 7.24 14.79
C ASP C 77 -9.58 5.76 14.47
N THR C 78 -8.44 5.37 13.94
CA THR C 78 -8.24 3.97 13.55
C THR C 78 -7.95 3.05 14.74
N LYS C 79 -7.42 3.62 15.81
CA LYS C 79 -7.11 2.83 17.00
C LYS C 79 -8.38 2.26 17.59
N ALA C 80 -9.42 3.08 17.65
CA ALA C 80 -10.71 2.67 18.17
C ALA C 80 -11.33 1.61 17.25
N TYR C 81 -11.16 1.79 15.95
CA TYR C 81 -11.70 0.84 14.98
C TYR C 81 -11.10 -0.54 15.18
N TRP C 82 -9.80 -0.61 15.36
CA TRP C 82 -9.15 -1.90 15.56
C TRP C 82 -9.51 -2.50 16.90
N THR C 83 -9.52 -1.69 17.96
CA THR C 83 -9.92 -2.17 19.28
C THR C 83 -11.29 -2.82 19.24
N ASN C 84 -12.23 -2.17 18.54
CA ASN C 84 -13.59 -2.67 18.44
C ASN C 84 -13.68 -3.95 17.59
N GLN C 85 -12.68 -4.19 16.74
CA GLN C 85 -12.66 -5.39 15.90
C GLN C 85 -11.89 -6.52 16.61
N GLY C 86 -11.26 -6.22 17.75
CA GLY C 86 -10.54 -7.22 18.52
C GLY C 86 -9.04 -7.31 18.28
N SER C 87 -8.47 -6.33 17.59
CA SER C 87 -7.05 -6.33 17.30
C SER C 87 -6.40 -5.20 18.05
N THR C 88 -5.09 -5.32 18.29
CA THR C 88 -4.38 -4.20 18.88
C THR C 88 -3.57 -3.60 17.74
N PRO C 89 -3.85 -2.35 17.44
CA PRO C 89 -3.18 -1.65 16.34
C PRO C 89 -1.89 -0.98 16.75
N PHE C 90 -1.16 -0.56 15.73
CA PHE C 90 0.07 0.15 15.95
C PHE C 90 -0.17 1.63 16.13
N HIS C 91 -0.90 2.21 15.19
CA HIS C 91 -1.07 3.66 15.12
C HIS C 91 -2.08 4.17 16.13
N GLU C 92 -1.79 5.32 16.73
CA GLU C 92 -2.69 5.95 17.69
C GLU C 92 -3.84 6.62 16.94
N VAL C 93 -3.57 7.02 15.69
CA VAL C 93 -4.52 7.70 14.82
C VAL C 93 -3.94 7.66 13.42
N ALA C 94 -4.75 7.94 12.42
CA ALA C 94 -4.23 8.12 11.07
C ALA C 94 -4.61 9.54 10.63
N GLU C 95 -3.61 10.34 10.31
CA GLU C 95 -3.86 11.72 9.89
C GLU C 95 -3.54 11.90 8.41
N VAL C 96 -4.39 12.61 7.70
CA VAL C 96 -4.16 12.91 6.30
C VAL C 96 -4.15 14.43 6.17
N VAL C 97 -3.00 15.00 5.82
CA VAL C 97 -2.83 16.45 5.76
C VAL C 97 -2.47 16.86 4.34
N PHE C 98 -3.23 17.79 3.77
CA PHE C 98 -3.11 18.16 2.35
C PHE C 98 -3.58 19.58 2.00
N ASP C 99 -3.05 20.14 0.90
CA ASP C 99 -3.50 21.44 0.37
C ASP C 99 -4.71 21.17 -0.52
N ALA C 100 -5.78 21.92 -0.32
CA ALA C 100 -6.97 21.76 -1.17
C ALA C 100 -7.17 22.97 -2.08
N HIS C 101 -7.47 22.68 -3.35
CA HIS C 101 -7.74 23.69 -4.36
C HIS C 101 -9.05 23.35 -5.06
N PRO C 102 -10.17 23.57 -4.36
CA PRO C 102 -11.50 23.17 -4.83
C PRO C 102 -12.19 24.13 -5.79
N GLU C 103 -11.42 24.80 -6.64
CA GLU C 103 -11.99 25.76 -7.58
C GLU C 103 -12.82 25.11 -8.68
N GLY C 104 -14.13 25.33 -8.63
CA GLY C 104 -15.04 24.83 -9.64
C GLY C 104 -15.64 23.47 -9.33
N HIS C 105 -15.14 22.45 -10.01
CA HIS C 105 -15.66 21.10 -9.84
C HIS C 105 -14.83 20.27 -8.86
N ARG C 106 -13.52 20.49 -8.86
CA ARG C 106 -12.57 19.69 -8.09
C ARG C 106 -13.12 19.07 -6.79
N HIS C 107 -13.30 17.75 -6.83
CA HIS C 107 -13.73 16.98 -5.66
C HIS C 107 -12.53 16.17 -5.15
N TYR C 108 -12.53 15.88 -3.85
CA TYR C 108 -11.44 15.11 -3.26
C TYR C 108 -11.95 13.85 -2.60
N THR C 109 -11.33 12.72 -2.92
CA THR C 109 -11.65 11.46 -2.25
C THR C 109 -10.40 11.01 -1.53
N LEU C 110 -10.50 10.83 -0.21
CA LEU C 110 -9.41 10.30 0.57
C LEU C 110 -9.66 8.82 0.76
N ALA C 111 -8.88 7.99 0.10
CA ALA C 111 -9.00 6.55 0.24
C ALA C 111 -8.02 6.11 1.31
N LEU C 112 -8.46 5.21 2.17
CA LEU C 112 -7.65 4.77 3.28
C LEU C 112 -7.83 3.28 3.47
N LEU C 113 -6.71 2.56 3.38
CA LEU C 113 -6.68 1.11 3.47
C LEU C 113 -6.02 0.72 4.78
N LEU C 114 -6.78 0.06 5.63
CA LEU C 114 -6.33 -0.22 6.99
C LEU C 114 -5.97 -1.66 7.30
N SER C 115 -4.83 -1.82 7.98
CA SER C 115 -4.43 -3.08 8.59
C SER C 115 -3.99 -2.70 10.03
N PRO C 116 -3.99 -3.64 10.98
CA PRO C 116 -3.58 -3.29 12.35
C PRO C 116 -2.20 -2.58 12.45
N PHE C 117 -1.22 -2.94 11.63
CA PHE C 117 0.10 -2.34 11.72
C PHE C 117 0.53 -1.58 10.46
N SER C 118 -0.45 -1.18 9.64
CA SER C 118 -0.16 -0.45 8.42
C SER C 118 -1.39 0.21 7.85
N TYR C 119 -1.19 1.36 7.22
CA TYR C 119 -2.27 1.93 6.43
C TYR C 119 -1.70 2.60 5.21
N THR C 120 -2.54 2.69 4.20
CA THR C 120 -2.21 3.37 2.96
C THR C 120 -3.22 4.48 2.77
N THR C 121 -2.73 5.70 2.57
CA THR C 121 -3.57 6.86 2.34
C THR C 121 -3.29 7.36 0.92
N THR C 122 -4.33 7.42 0.10
CA THR C 122 -4.21 7.90 -1.27
C THR C 122 -5.30 8.93 -1.52
N ALA C 123 -5.11 9.76 -2.54
CA ALA C 123 -6.13 10.74 -2.88
C ALA C 123 -6.51 10.63 -4.33
N VAL C 124 -7.79 10.81 -4.61
CA VAL C 124 -8.32 10.86 -5.96
C VAL C 124 -8.91 12.26 -6.08
N VAL C 125 -8.33 13.08 -6.96
CA VAL C 125 -8.75 14.47 -7.12
C VAL C 125 -9.26 14.69 -8.54
N SER C 126 -10.51 15.11 -8.66
CA SER C 126 -11.10 15.32 -9.99
C SER C 126 -10.60 16.61 -10.60
N SER C 127 -10.67 16.70 -11.92
CA SER C 127 -10.30 17.93 -12.61
C SER C 127 -11.58 18.76 -12.77
N VAL C 128 -11.52 19.83 -13.55
CA VAL C 128 -12.71 20.65 -13.81
C VAL C 128 -13.15 20.51 -15.26
N CYS D 13 19.91 1.63 18.62
CA CYS D 13 18.99 2.34 17.67
C CYS D 13 17.58 1.77 17.79
N PRO D 14 16.81 2.18 18.80
CA PRO D 14 15.47 1.65 19.00
C PRO D 14 14.37 2.28 18.14
N LEU D 15 14.70 3.36 17.43
CA LEU D 15 13.76 3.97 16.51
C LEU D 15 14.46 4.11 15.16
N MET D 16 14.01 3.32 14.19
CA MET D 16 14.58 3.36 12.85
C MET D 16 13.52 3.67 11.80
N VAL D 17 13.96 4.22 10.68
CA VAL D 17 13.04 4.51 9.60
C VAL D 17 13.61 3.89 8.34
N LYS D 18 12.72 3.54 7.42
CA LYS D 18 13.12 3.03 6.11
C LYS D 18 12.14 3.63 5.12
N ILE D 19 12.60 4.60 4.34
CA ILE D 19 11.72 5.27 3.40
C ILE D 19 12.06 4.87 1.97
N LEU D 20 11.04 4.44 1.24
CA LEU D 20 11.19 4.04 -0.15
C LEU D 20 10.39 4.92 -1.08
N ASP D 21 10.93 5.13 -2.28
CA ASP D 21 10.29 5.90 -3.33
C ASP D 21 9.67 4.89 -4.30
N ALA D 22 8.35 4.88 -4.38
CA ALA D 22 7.63 3.92 -5.20
C ALA D 22 7.58 4.26 -6.68
N VAL D 23 8.04 5.47 -7.03
CA VAL D 23 8.12 5.86 -8.42
C VAL D 23 9.44 5.35 -9.00
N LYS D 24 10.52 5.60 -8.27
CA LYS D 24 11.87 5.27 -8.76
C LYS D 24 12.39 3.91 -8.35
N GLY D 25 11.78 3.29 -7.33
CA GLY D 25 12.26 2.01 -6.86
C GLY D 25 13.62 2.10 -6.18
N THR D 26 13.82 3.18 -5.45
CA THR D 26 15.04 3.37 -4.71
C THR D 26 14.62 3.94 -3.36
N PRO D 27 15.50 3.87 -2.37
CA PRO D 27 15.20 4.53 -1.10
C PRO D 27 15.07 6.02 -1.34
N ALA D 28 14.34 6.69 -0.46
CA ALA D 28 14.11 8.13 -0.58
C ALA D 28 15.16 8.85 0.27
N GLY D 29 16.15 9.43 -0.40
CA GLY D 29 17.23 10.12 0.28
C GLY D 29 16.89 11.56 0.59
N SER D 30 17.52 12.09 1.63
CA SER D 30 17.36 13.48 2.01
C SER D 30 15.94 13.88 2.36
N VAL D 31 15.22 13.00 3.06
CA VAL D 31 13.90 13.31 3.56
C VAL D 31 14.05 13.81 5.00
N ALA D 32 13.62 15.03 5.24
CA ALA D 32 13.69 15.62 6.57
C ALA D 32 12.58 15.08 7.44
N LEU D 33 12.90 14.73 8.67
CA LEU D 33 11.88 14.27 9.59
C LEU D 33 12.18 14.79 10.98
N LYS D 34 11.19 14.68 11.85
CA LYS D 34 11.35 15.13 13.21
C LYS D 34 10.51 14.21 14.06
N VAL D 35 11.02 13.92 15.25
CA VAL D 35 10.39 13.04 16.21
C VAL D 35 9.92 13.85 17.41
N SER D 36 8.68 13.66 17.80
CA SER D 36 8.15 14.38 18.97
C SER D 36 7.58 13.37 19.94
N GLN D 37 7.52 13.77 21.20
CA GLN D 37 7.00 12.94 22.27
C GLN D 37 5.82 13.69 22.90
N LYS D 38 4.76 12.97 23.20
CA LYS D 38 3.58 13.57 23.82
C LYS D 38 3.90 13.87 25.29
N THR D 39 3.60 15.07 25.75
CA THR D 39 3.88 15.43 27.13
C THR D 39 2.64 15.31 28.03
N ALA D 40 2.87 15.44 29.33
CA ALA D 40 1.81 15.32 30.35
C ALA D 40 0.51 16.05 30.02
N ASP D 41 0.62 17.32 29.62
CA ASP D 41 -0.56 18.13 29.30
C ASP D 41 -1.12 17.95 27.88
N GLY D 42 -0.69 16.90 27.17
CA GLY D 42 -1.24 16.60 25.86
C GLY D 42 -0.57 17.20 24.63
N GLY D 43 0.41 18.08 24.83
CA GLY D 43 1.10 18.72 23.72
C GLY D 43 2.28 17.88 23.25
N TRP D 44 3.06 18.44 22.35
CA TRP D 44 4.19 17.71 21.78
C TRP D 44 5.50 18.41 22.04
N THR D 45 6.51 17.62 22.37
CA THR D 45 7.85 18.15 22.50
C THR D 45 8.77 17.46 21.50
N GLN D 46 9.48 18.26 20.71
CA GLN D 46 10.39 17.71 19.71
C GLN D 46 11.65 17.20 20.39
N ILE D 47 12.00 15.93 20.14
CA ILE D 47 13.17 15.33 20.77
C ILE D 47 14.27 15.00 19.79
N ALA D 48 14.00 15.08 18.49
CA ALA D 48 15.02 14.83 17.49
C ALA D 48 14.58 15.26 16.10
N THR D 49 15.58 15.52 15.25
CA THR D 49 15.34 15.81 13.85
C THR D 49 16.46 15.13 13.06
N GLY D 50 16.21 14.87 11.80
CA GLY D 50 17.20 14.24 10.97
C GLY D 50 16.80 14.29 9.51
N VAL D 51 17.71 13.84 8.67
CA VAL D 51 17.49 13.80 7.23
C VAL D 51 17.95 12.41 6.79
N THR D 52 17.14 11.72 5.98
CA THR D 52 17.53 10.37 5.59
C THR D 52 18.74 10.39 4.68
N ASP D 53 19.53 9.33 4.78
CA ASP D 53 20.70 9.18 3.91
C ASP D 53 20.24 8.55 2.60
N ALA D 54 21.19 8.18 1.76
CA ALA D 54 20.89 7.60 0.45
C ALA D 54 20.21 6.23 0.55
N THR D 55 20.24 5.62 1.73
CA THR D 55 19.59 4.33 1.93
C THR D 55 18.18 4.50 2.51
N GLY D 56 17.75 5.74 2.69
CA GLY D 56 16.41 6.03 3.19
C GLY D 56 16.28 5.80 4.68
N GLU D 57 17.42 5.83 5.37
CA GLU D 57 17.47 5.57 6.79
C GLU D 57 18.11 6.74 7.52
N ILE D 58 17.99 6.71 8.85
CA ILE D 58 18.69 7.68 9.68
C ILE D 58 19.25 6.89 10.85
N HIS D 59 20.56 6.81 10.94
CA HIS D 59 21.19 6.08 12.02
C HIS D 59 21.37 6.94 13.25
N ASN D 60 21.14 6.34 14.41
CA ASN D 60 21.28 7.04 15.69
C ASN D 60 20.36 8.25 15.75
N LEU D 61 19.12 8.03 15.38
CA LEU D 61 18.11 9.07 15.40
C LEU D 61 17.91 9.53 16.85
N ILE D 62 17.71 8.56 17.74
CA ILE D 62 17.55 8.82 19.16
C ILE D 62 18.23 7.68 19.92
N THR D 63 18.42 7.85 21.22
CA THR D 63 19.01 6.80 22.05
C THR D 63 17.93 6.19 22.95
N GLU D 64 18.23 5.04 23.55
CA GLU D 64 17.29 4.40 24.46
C GLU D 64 16.89 5.37 25.57
N GLN D 65 17.84 6.21 26.00
CA GLN D 65 17.61 7.19 27.07
C GLN D 65 16.49 8.17 26.66
N GLN D 66 16.45 8.52 25.38
CA GLN D 66 15.46 9.45 24.88
C GLN D 66 14.15 8.78 24.46
N PHE D 67 14.05 7.48 24.67
CA PHE D 67 12.90 6.76 24.15
C PHE D 67 12.16 5.92 25.19
N PRO D 68 11.65 6.55 26.24
CA PRO D 68 10.87 5.84 27.24
C PRO D 68 9.44 5.64 26.77
N ALA D 69 8.73 4.72 27.43
CA ALA D 69 7.34 4.45 27.10
C ALA D 69 6.60 5.78 26.94
N GLY D 70 5.63 5.82 26.03
CA GLY D 70 4.87 7.02 25.75
C GLY D 70 4.42 7.07 24.29
N VAL D 71 3.67 8.11 23.95
CA VAL D 71 3.18 8.30 22.60
C VAL D 71 4.16 9.17 21.82
N TYR D 72 4.40 8.79 20.58
CA TYR D 72 5.35 9.49 19.74
C TYR D 72 4.78 9.85 18.39
N ARG D 73 5.34 10.89 17.80
CA ARG D 73 4.93 11.34 16.49
C ARG D 73 6.20 11.53 15.66
N VAL D 74 6.22 10.90 14.50
CA VAL D 74 7.29 11.09 13.55
C VAL D 74 6.67 11.75 12.32
N GLU D 75 7.15 12.95 12.03
CA GLU D 75 6.68 13.75 10.92
C GLU D 75 7.73 13.77 9.81
N PHE D 76 7.31 13.35 8.61
CA PHE D 76 8.20 13.28 7.47
C PHE D 76 7.81 14.38 6.50
N ASP D 77 8.78 15.16 6.05
CA ASP D 77 8.53 16.25 5.11
C ASP D 77 8.56 15.72 3.69
N THR D 78 7.49 15.04 3.32
CA THR D 78 7.40 14.43 2.00
C THR D 78 7.08 15.45 0.91
N LYS D 79 6.44 16.57 1.26
CA LYS D 79 6.15 17.58 0.26
C LYS D 79 7.44 18.08 -0.39
N ALA D 80 8.41 18.45 0.43
CA ALA D 80 9.70 18.95 -0.04
C ALA D 80 10.43 17.89 -0.87
N TYR D 81 10.30 16.63 -0.47
CA TYR D 81 10.90 15.52 -1.21
C TYR D 81 10.36 15.48 -2.64
N TRP D 82 9.05 15.57 -2.79
CA TRP D 82 8.45 15.50 -4.11
C TRP D 82 8.73 16.76 -4.91
N THR D 83 8.64 17.92 -4.26
CA THR D 83 8.97 19.18 -4.94
C THR D 83 10.37 19.12 -5.53
N ASN D 84 11.32 18.57 -4.77
CA ASN D 84 12.70 18.45 -5.22
C ASN D 84 12.82 17.47 -6.40
N GLN D 85 12.01 16.42 -6.38
CA GLN D 85 12.00 15.40 -7.43
C GLN D 85 11.32 15.91 -8.70
N GLY D 86 10.64 17.05 -8.59
CA GLY D 86 9.95 17.66 -9.71
C GLY D 86 8.46 17.34 -9.74
N SER D 87 8.00 16.59 -8.75
CA SER D 87 6.61 16.11 -8.66
C SER D 87 5.70 16.99 -7.80
N THR D 88 4.44 17.10 -8.23
CA THR D 88 3.45 17.89 -7.52
C THR D 88 2.69 16.90 -6.63
N PRO D 89 2.93 16.93 -5.32
CA PRO D 89 2.32 15.93 -4.44
C PRO D 89 1.05 16.37 -3.76
N PHE D 90 0.37 15.39 -3.16
CA PHE D 90 -0.89 15.64 -2.50
C PHE D 90 -0.72 16.04 -1.04
N HIS D 91 0.05 15.26 -0.30
CA HIS D 91 0.18 15.48 1.14
C HIS D 91 1.17 16.59 1.49
N GLU D 92 0.84 17.35 2.53
CA GLU D 92 1.78 18.34 3.04
C GLU D 92 2.93 17.66 3.77
N VAL D 93 2.60 16.56 4.44
CA VAL D 93 3.51 15.90 5.31
C VAL D 93 2.99 14.49 5.52
N ALA D 94 3.86 13.59 5.97
CA ALA D 94 3.42 12.25 6.37
C ALA D 94 3.64 12.14 7.87
N GLU D 95 2.58 11.80 8.59
CA GLU D 95 2.62 11.70 10.04
C GLU D 95 2.41 10.28 10.51
N VAL D 96 3.27 9.83 11.42
CA VAL D 96 3.12 8.51 12.01
C VAL D 96 3.04 8.70 13.52
N VAL D 97 1.91 8.33 14.12
CA VAL D 97 1.67 8.54 15.54
C VAL D 97 1.42 7.20 16.21
N PHE D 98 2.16 6.93 17.29
CA PHE D 98 2.11 5.62 17.92
C PHE D 98 2.55 5.57 19.39
N ASP D 99 1.98 4.62 20.13
CA ASP D 99 2.35 4.38 21.52
C ASP D 99 3.58 3.48 21.47
N ALA D 100 4.62 3.82 22.22
CA ALA D 100 5.83 3.02 22.21
C ALA D 100 6.04 2.30 23.54
N HIS D 101 6.51 1.07 23.46
CA HIS D 101 6.87 0.27 24.62
C HIS D 101 8.26 -0.31 24.37
N PRO D 102 9.26 0.56 24.38
CA PRO D 102 10.64 0.18 24.08
C PRO D 102 11.33 -0.44 25.27
N GLU D 103 10.74 -0.21 26.44
CA GLU D 103 11.27 -0.67 27.71
C GLU D 103 11.58 -2.15 27.63
N GLY D 104 12.68 -2.51 26.96
CA GLY D 104 13.08 -3.89 26.81
C GLY D 104 13.89 -4.14 25.55
N HIS D 105 14.74 -3.18 25.17
CA HIS D 105 15.53 -3.27 23.95
C HIS D 105 14.64 -3.58 22.74
N ARG D 106 13.38 -3.16 22.84
CA ARG D 106 12.39 -3.34 21.78
C ARG D 106 12.65 -2.34 20.64
N HIS D 107 12.92 -2.87 19.44
CA HIS D 107 13.18 -2.05 18.25
C HIS D 107 11.90 -1.66 17.49
N TYR D 108 11.85 -0.43 17.00
CA TYR D 108 10.75 0.06 16.16
C TYR D 108 11.30 0.53 14.82
N THR D 109 10.79 -0.03 13.72
CA THR D 109 11.15 0.43 12.39
C THR D 109 9.91 0.95 11.71
N LEU D 110 9.96 2.21 11.29
CA LEU D 110 8.84 2.83 10.60
C LEU D 110 9.16 2.77 9.12
N ALA D 111 8.41 1.94 8.39
CA ALA D 111 8.60 1.82 6.96
C ALA D 111 7.60 2.73 6.26
N LEU D 112 8.09 3.48 5.28
CA LEU D 112 7.26 4.44 4.57
C LEU D 112 7.52 4.33 3.07
N LEU D 113 6.45 4.04 2.34
CA LEU D 113 6.49 3.89 0.90
C LEU D 113 5.80 5.09 0.26
N LEU D 114 6.55 5.89 -0.49
CA LEU D 114 6.05 7.13 -1.04
C LEU D 114 5.77 7.17 -2.54
N SER D 115 4.60 7.72 -2.87
CA SER D 115 4.22 8.13 -4.22
C SER D 115 3.67 9.57 -4.11
N PRO D 116 3.66 10.34 -5.18
CA PRO D 116 3.14 11.71 -5.09
C PRO D 116 1.72 11.82 -4.51
N PHE D 117 0.81 10.90 -4.79
CA PHE D 117 -0.54 11.02 -4.24
C PHE D 117 -0.90 9.87 -3.29
N SER D 118 0.10 9.17 -2.76
CA SER D 118 -0.16 8.06 -1.84
C SER D 118 1.05 7.76 -0.97
N TYR D 119 0.81 7.35 0.28
CA TYR D 119 1.91 6.74 1.02
C TYR D 119 1.35 5.62 1.87
N THR D 120 2.23 4.68 2.18
CA THR D 120 1.93 3.54 3.03
C THR D 120 2.89 3.61 4.20
N THR D 121 2.36 3.59 5.41
CA THR D 121 3.15 3.59 6.63
C THR D 121 2.90 2.24 7.31
N THR D 122 3.98 1.51 7.58
CA THR D 122 3.87 0.23 8.29
C THR D 122 4.89 0.24 9.41
N ALA D 123 4.69 -0.62 10.39
CA ALA D 123 5.61 -0.68 11.50
C ALA D 123 6.06 -2.13 11.68
N VAL D 124 7.34 -2.29 11.98
CA VAL D 124 7.88 -3.59 12.33
C VAL D 124 8.42 -3.44 13.74
N VAL D 125 7.85 -4.19 14.67
CA VAL D 125 8.23 -4.08 16.06
C VAL D 125 8.95 -5.34 16.49
N SER D 126 10.21 -5.19 16.86
CA SER D 126 11.07 -6.30 17.25
C SER D 126 11.28 -6.29 18.74
S SO4 E . -23.16 -7.66 -0.26
O1 SO4 E . -22.41 -6.50 -0.73
O2 SO4 E . -22.58 -8.15 0.99
O3 SO4 E . -24.56 -7.30 -0.07
O4 SO4 E . -23.10 -8.72 -1.26
#